data_5XXF
#
_entry.id   5XXF
#
_cell.length_a   81.159
_cell.length_b   85.741
_cell.length_c   116.044
_cell.angle_alpha   90.000
_cell.angle_beta   90.000
_cell.angle_gamma   90.000
#
_symmetry.space_group_name_H-M   'P 21 21 21'
#
loop_
_entity.id
_entity.type
_entity.pdbx_description
1 polymer 'Protection of telomeres protein poz1'
2 polymer 'Protection of telomeres protein tpz1'
3 polymer Rap1
4 non-polymer 'ZINC ION'
5 water water
#
loop_
_entity_poly.entity_id
_entity_poly.type
_entity_poly.pdbx_seq_one_letter_code
_entity_poly.pdbx_strand_id
1 'polypeptide(L)'
;GSNEKIRSQSVLNTLETFFIKENHYDMQREESSIVNACLRYLGYSKSMCHEKMPIFMDIAFIEYCFNLSLDPSSFQNLPI
TQTQPDSQQILWEYSLISNALERLENIELERQNCMREDGLVKYTNELLLNKETLNNEALKLYSCAKAGICRWMAFHFLEQ
EPIDHINFTKFLQDWGSHNEKEMEALQRLSKHKIRKRLIYVSQHKKKMPWSKFNSVLSRYIQCTKLQLEVFCDYDFKQRE
IVKMLTSN
;
A,B
2 'polypeptide(L)' ACEMCRLGLPHGSFFELLRDWKKIEEFRNKS C,D
3 'polypeptide(L)' NSDNIFVKPGEDLEIPL E,F
#
loop_
_chem_comp.id
_chem_comp.type
_chem_comp.name
_chem_comp.formula
ZN non-polymer 'ZINC ION' 'Zn 2'
#
# COMPACT_ATOMS: atom_id res chain seq x y z
N GLY A 1 16.72 9.00 8.01
CA GLY A 1 17.08 7.57 8.19
C GLY A 1 15.88 6.66 8.41
N SER A 2 15.13 6.92 9.48
CA SER A 2 14.00 6.08 9.87
C SER A 2 12.62 6.56 9.36
N ASN A 3 12.60 7.55 8.47
CA ASN A 3 11.38 7.89 7.71
C ASN A 3 11.02 6.76 6.74
N GLU A 4 12.05 6.17 6.15
CA GLU A 4 11.95 4.92 5.38
C GLU A 4 11.44 3.76 6.27
N LYS A 5 11.90 3.71 7.51
CA LYS A 5 11.47 2.68 8.49
C LYS A 5 10.00 2.79 8.88
N ILE A 6 9.58 4.02 9.23
CA ILE A 6 8.19 4.32 9.57
C ILE A 6 7.27 3.98 8.39
N ARG A 7 7.75 4.25 7.18
CA ARG A 7 7.05 3.87 5.95
C ARG A 7 6.93 2.35 5.80
N SER A 8 8.07 1.66 5.86
CA SER A 8 8.13 0.21 5.65
C SER A 8 7.27 -0.57 6.65
N GLN A 9 7.34 -0.15 7.91
CA GLN A 9 6.52 -0.73 8.97
C GLN A 9 5.01 -0.61 8.70
N SER A 10 4.60 0.52 8.13
CA SER A 10 3.21 0.75 7.76
C SER A 10 2.77 -0.12 6.58
N VAL A 11 3.69 -0.33 5.64
CA VAL A 11 3.47 -1.23 4.50
C VAL A 11 3.35 -2.66 4.99
N LEU A 12 4.23 -3.02 5.92
CA LEU A 12 4.19 -4.33 6.57
C LEU A 12 2.89 -4.53 7.37
N ASN A 13 2.48 -3.49 8.10
CA ASN A 13 1.16 -3.48 8.78
C ASN A 13 0.02 -3.72 7.79
N THR A 14 0.07 -3.01 6.66
CA THR A 14 -0.97 -3.12 5.64
C THR A 14 -1.05 -4.53 5.07
N LEU A 15 0.08 -5.09 4.63
CA LEU A 15 0.11 -6.48 4.17
C LEU A 15 -0.47 -7.45 5.19
N GLU A 16 -0.13 -7.22 6.46
CA GLU A 16 -0.63 -8.04 7.58
C GLU A 16 -2.17 -8.06 7.64
N THR A 17 -2.81 -6.92 7.37
CA THR A 17 -4.27 -6.85 7.32
C THR A 17 -4.87 -7.51 6.06
N PHE A 18 -4.04 -7.83 5.07
CA PHE A 18 -4.44 -8.57 3.87
C PHE A 18 -4.06 -10.05 3.90
N PHE A 19 -2.99 -10.39 4.62
CA PHE A 19 -2.41 -11.74 4.64
C PHE A 19 -2.95 -12.62 5.77
N ILE A 20 -3.30 -12.01 6.90
CA ILE A 20 -3.89 -12.76 8.01
C ILE A 20 -5.41 -12.88 7.81
N LYS A 21 -5.83 -14.07 7.36
CA LYS A 21 -7.24 -14.44 7.27
C LYS A 21 -7.45 -15.63 8.20
N GLU A 22 -8.71 -15.99 8.47
CA GLU A 22 -9.02 -17.14 9.35
C GLU A 22 -8.56 -18.43 8.67
N ASN A 23 -8.97 -18.60 7.42
CA ASN A 23 -8.48 -19.68 6.57
C ASN A 23 -7.28 -19.19 5.75
N HIS A 24 -6.84 -19.96 4.76
CA HIS A 24 -5.60 -19.65 4.04
C HIS A 24 -5.73 -18.45 3.12
N TYR A 25 -4.61 -17.76 2.92
CA TYR A 25 -4.53 -16.67 1.99
C TYR A 25 -4.51 -17.19 0.56
N ASP A 26 -5.31 -16.54 -0.28
CA ASP A 26 -5.17 -16.64 -1.73
C ASP A 26 -5.26 -15.21 -2.22
N MET A 27 -4.45 -14.90 -3.23
CA MET A 27 -4.42 -13.54 -3.77
C MET A 27 -5.61 -13.35 -4.70
N GLN A 28 -6.59 -12.59 -4.20
CA GLN A 28 -7.80 -12.28 -4.98
C GLN A 28 -7.51 -11.07 -5.88
N ARG A 29 -8.21 -11.01 -7.02
CA ARG A 29 -7.94 -10.01 -8.08
C ARG A 29 -8.06 -8.57 -7.59
N GLU A 30 -8.96 -8.34 -6.63
CA GLU A 30 -9.25 -7.02 -6.09
C GLU A 30 -8.20 -6.55 -5.07
N GLU A 31 -7.41 -7.50 -4.54
CA GLU A 31 -6.29 -7.21 -3.63
C GLU A 31 -4.94 -7.14 -4.33
N SER A 32 -4.80 -7.80 -5.48
CA SER A 32 -3.49 -8.10 -6.08
C SER A 32 -2.58 -6.90 -6.35
N SER A 33 -3.15 -5.79 -6.82
CA SER A 33 -2.36 -4.59 -7.13
C SER A 33 -1.70 -3.99 -5.89
N ILE A 34 -2.47 -3.79 -4.83
CA ILE A 34 -1.95 -3.27 -3.56
C ILE A 34 -1.04 -4.28 -2.85
N VAL A 35 -1.36 -5.57 -2.95
CA VAL A 35 -0.49 -6.62 -2.38
C VAL A 35 0.86 -6.62 -3.10
N ASN A 36 0.85 -6.54 -4.43
CA ASN A 36 2.07 -6.42 -5.24
C ASN A 36 2.91 -5.20 -4.89
N ALA A 37 2.25 -4.04 -4.86
CA ALA A 37 2.91 -2.77 -4.55
C ALA A 37 3.60 -2.76 -3.19
N CYS A 38 3.00 -3.45 -2.23
CA CYS A 38 3.54 -3.57 -0.88
C CYS A 38 4.79 -4.44 -0.84
N LEU A 39 4.68 -5.62 -1.46
CA LEU A 39 5.81 -6.55 -1.52
C LEU A 39 6.99 -5.91 -2.23
N ARG A 40 6.73 -5.30 -3.38
CA ARG A 40 7.76 -4.60 -4.14
C ARG A 40 8.44 -3.53 -3.28
N TYR A 41 7.65 -2.74 -2.57
CA TYR A 41 8.20 -1.68 -1.73
C TYR A 41 9.18 -2.27 -0.72
N LEU A 42 8.70 -3.25 0.06
CA LEU A 42 9.53 -3.94 1.06
C LEU A 42 10.75 -4.64 0.45
N GLY A 43 10.57 -5.17 -0.76
CA GLY A 43 11.66 -5.79 -1.52
C GLY A 43 12.82 -4.84 -1.82
N TYR A 44 12.50 -3.59 -2.15
CA TYR A 44 13.52 -2.58 -2.44
C TYR A 44 13.74 -1.58 -1.29
N SER A 45 13.09 -1.81 -0.15
CA SER A 45 13.27 -0.94 1.00
C SER A 45 14.64 -1.22 1.60
N LYS A 46 15.48 -0.20 1.58
CA LYS A 46 16.84 -0.25 2.13
C LYS A 46 16.82 -0.70 3.60
N SER A 47 15.91 -0.12 4.37
CA SER A 47 15.80 -0.39 5.80
C SER A 47 15.27 -1.78 6.17
N MET A 48 14.66 -2.49 5.21
CA MET A 48 14.13 -3.84 5.47
C MET A 48 15.15 -4.96 5.24
N CYS A 49 16.30 -4.63 4.64
CA CYS A 49 17.29 -5.64 4.20
C CYS A 49 17.78 -6.64 5.24
N HIS A 50 17.86 -6.24 6.50
CA HIS A 50 18.31 -7.14 7.58
C HIS A 50 17.27 -7.31 8.68
N GLU A 51 16.01 -7.03 8.34
CA GLU A 51 14.90 -7.19 9.27
C GLU A 51 14.40 -8.63 9.18
N LYS A 52 13.99 -9.16 10.32
CA LYS A 52 13.49 -10.53 10.41
C LYS A 52 12.18 -10.67 9.66
N MET A 53 12.02 -11.75 8.90
CA MET A 53 10.78 -12.03 8.18
C MET A 53 9.74 -12.45 9.21
N PRO A 54 8.65 -11.65 9.38
CA PRO A 54 7.58 -12.01 10.32
C PRO A 54 6.89 -13.28 9.91
N ILE A 55 6.37 -14.04 10.88
CA ILE A 55 5.88 -15.38 10.59
C ILE A 55 4.59 -15.40 9.76
N PHE A 56 3.81 -14.32 9.83
CA PHE A 56 2.62 -14.17 8.99
C PHE A 56 2.98 -14.13 7.50
N MET A 57 4.12 -13.53 7.17
CA MET A 57 4.60 -13.44 5.78
C MET A 57 4.95 -14.82 5.24
N ASP A 58 5.74 -15.55 6.02
CA ASP A 58 6.15 -16.91 5.68
C ASP A 58 4.97 -17.86 5.50
N ILE A 59 3.99 -17.74 6.39
CA ILE A 59 2.76 -18.52 6.32
C ILE A 59 2.01 -18.20 5.02
N ALA A 60 1.76 -16.91 4.80
CA ALA A 60 1.04 -16.44 3.61
C ALA A 60 1.72 -16.86 2.31
N PHE A 61 3.04 -16.84 2.29
CA PHE A 61 3.78 -17.35 1.13
C PHE A 61 3.52 -18.83 0.92
N ILE A 62 3.60 -19.62 2.00
CA ILE A 62 3.42 -21.08 1.92
C ILE A 62 2.02 -21.43 1.44
N GLU A 63 1.03 -20.71 1.97
CA GLU A 63 -0.36 -20.85 1.55
C GLU A 63 -0.52 -20.56 0.06
N TYR A 64 0.10 -19.46 -0.38
CA TYR A 64 0.05 -19.06 -1.78
C TYR A 64 0.88 -19.98 -2.68
N CYS A 65 2.06 -20.38 -2.21
CA CYS A 65 2.97 -21.25 -2.97
C CYS A 65 2.36 -22.61 -3.26
N PHE A 66 1.75 -23.22 -2.23
CA PHE A 66 1.16 -24.55 -2.35
C PHE A 66 -0.38 -24.56 -2.50
N ASN A 67 -0.94 -23.40 -2.86
CA ASN A 67 -2.37 -23.25 -3.19
C ASN A 67 -3.28 -23.93 -2.16
N LEU A 68 -3.03 -23.63 -0.89
CA LEU A 68 -3.60 -24.39 0.23
C LEU A 68 -5.10 -24.21 0.43
N SER A 69 -5.67 -23.15 -0.13
CA SER A 69 -7.12 -22.92 -0.08
C SER A 69 -7.79 -23.55 -1.30
N LEU A 70 -7.72 -24.87 -1.41
CA LEU A 70 -8.44 -25.61 -2.44
C LEU A 70 -9.01 -26.94 -1.92
N ASP A 71 -8.15 -27.93 -1.61
CA ASP A 71 -8.52 -29.31 -1.13
C ASP A 71 -8.19 -30.38 -2.16
N PRO A 85 -6.59 -29.51 -6.25
CA PRO A 85 -5.24 -29.96 -6.52
C PRO A 85 -5.17 -30.97 -7.67
N ASP A 86 -4.85 -30.43 -8.85
CA ASP A 86 -4.42 -31.21 -10.00
C ASP A 86 -2.94 -31.64 -9.87
N SER A 87 -2.30 -31.21 -8.76
CA SER A 87 -0.85 -31.27 -8.53
C SER A 87 -0.04 -30.23 -9.32
N GLN A 88 -0.69 -29.46 -10.19
CA GLN A 88 -0.02 -28.68 -11.23
C GLN A 88 -0.46 -27.19 -11.28
N GLN A 89 -0.92 -26.67 -10.14
CA GLN A 89 -1.06 -25.22 -9.93
C GLN A 89 0.21 -24.64 -9.27
N ILE A 90 1.06 -25.53 -8.76
CA ILE A 90 2.32 -25.17 -8.09
C ILE A 90 3.45 -25.18 -9.13
N LEU A 91 4.31 -24.16 -9.08
CA LEU A 91 5.52 -24.13 -9.91
C LEU A 91 6.60 -24.94 -9.22
N TRP A 92 6.99 -26.05 -9.83
CA TRP A 92 8.01 -26.95 -9.27
C TRP A 92 9.41 -26.64 -9.83
N GLU A 93 9.86 -25.41 -9.59
CA GLU A 93 11.21 -24.95 -9.93
C GLU A 93 12.09 -25.10 -8.69
N TYR A 94 13.33 -25.53 -8.87
CA TYR A 94 14.26 -25.79 -7.74
C TYR A 94 14.51 -24.55 -6.89
N SER A 95 14.88 -23.45 -7.55
CA SER A 95 15.20 -22.19 -6.88
C SER A 95 14.11 -21.72 -5.92
N LEU A 96 12.84 -21.85 -6.35
CA LEU A 96 11.68 -21.46 -5.57
C LEU A 96 11.36 -22.42 -4.42
N ILE A 97 11.33 -23.72 -4.72
CA ILE A 97 10.91 -24.74 -3.74
C ILE A 97 11.92 -24.90 -2.59
N SER A 98 13.22 -24.72 -2.88
CA SER A 98 14.25 -24.66 -1.84
C SER A 98 13.93 -23.56 -0.83
N ASN A 99 13.67 -22.36 -1.35
CA ASN A 99 13.31 -21.21 -0.53
C ASN A 99 11.98 -21.42 0.20
N ALA A 100 11.03 -22.06 -0.48
CA ALA A 100 9.76 -22.46 0.14
C ALA A 100 9.98 -23.35 1.36
N LEU A 101 10.86 -24.33 1.23
CA LEU A 101 11.24 -25.20 2.36
C LEU A 101 11.95 -24.45 3.48
N GLU A 102 12.80 -23.50 3.11
CA GLU A 102 13.48 -22.63 4.08
C GLU A 102 12.47 -21.83 4.90
N ARG A 103 11.53 -21.21 4.20
CA ARG A 103 10.46 -20.44 4.87
C ARG A 103 9.58 -21.34 5.73
N LEU A 104 9.25 -22.53 5.22
CA LEU A 104 8.53 -23.53 6.02
C LEU A 104 9.31 -23.92 7.28
N GLU A 105 10.62 -24.09 7.12
CA GLU A 105 11.54 -24.35 8.25
C GLU A 105 11.51 -23.24 9.31
N ASN A 106 11.47 -21.98 8.86
CA ASN A 106 11.35 -20.83 9.76
C ASN A 106 10.09 -20.86 10.63
N ILE A 107 8.98 -21.27 10.02
CA ILE A 107 7.67 -21.34 10.70
C ILE A 107 7.74 -22.37 11.81
N GLU A 108 8.33 -23.52 11.50
CA GLU A 108 8.48 -24.62 12.45
C GLU A 108 9.41 -24.27 13.61
N LEU A 109 10.56 -23.66 13.31
CA LEU A 109 11.48 -23.18 14.36
C LEU A 109 10.81 -22.12 15.23
N GLU A 110 10.19 -21.12 14.59
CA GLU A 110 9.42 -20.08 15.28
C GLU A 110 8.31 -20.66 16.17
N ARG A 111 7.67 -21.73 15.69
CA ARG A 111 6.65 -22.43 16.45
C ARG A 111 7.25 -23.09 17.69
N GLN A 112 8.30 -23.88 17.47
CA GLN A 112 9.03 -24.56 18.56
C GLN A 112 9.57 -23.62 19.63
N ASN A 113 10.18 -22.52 19.19
CA ASN A 113 10.73 -21.52 20.11
C ASN A 113 9.67 -20.90 21.00
N CYS A 114 8.60 -20.41 20.37
CA CYS A 114 7.50 -19.76 21.07
C CYS A 114 6.72 -20.71 22.00
N MET A 115 6.68 -21.99 21.67
CA MET A 115 5.97 -23.00 22.48
C MET A 115 6.56 -23.24 23.86
N ARG A 116 7.87 -23.11 23.98
CA ARG A 116 8.55 -23.32 25.27
C ARG A 116 8.08 -22.33 26.33
N GLU A 117 7.92 -21.06 25.94
CA GLU A 117 7.47 -20.00 26.84
C GLU A 117 5.99 -20.18 27.20
N ASN A 130 -4.00 -30.36 26.17
CA ASN A 130 -4.06 -30.31 24.71
C ASN A 130 -2.81 -29.76 24.03
N LYS A 131 -2.05 -28.91 24.75
CA LYS A 131 -0.80 -28.32 24.22
C LYS A 131 0.20 -29.36 23.72
N GLU A 132 0.30 -30.49 24.42
CA GLU A 132 1.13 -31.61 23.99
C GLU A 132 0.67 -32.13 22.63
N THR A 133 -0.64 -32.30 22.48
CA THR A 133 -1.24 -32.78 21.22
C THR A 133 -0.99 -31.82 20.06
N LEU A 134 -1.27 -30.54 20.28
CA LEU A 134 -1.06 -29.49 19.26
C LEU A 134 0.41 -29.35 18.83
N ASN A 135 1.32 -29.47 19.79
CA ASN A 135 2.76 -29.47 19.50
C ASN A 135 3.16 -30.72 18.71
N ASN A 136 2.78 -31.89 19.23
CA ASN A 136 3.11 -33.19 18.62
C ASN A 136 2.53 -33.39 17.22
N GLU A 137 1.33 -32.86 17.00
CA GLU A 137 0.68 -32.95 15.68
C GLU A 137 1.40 -32.07 14.65
N ALA A 138 1.70 -30.83 15.03
CA ALA A 138 2.48 -29.91 14.22
C ALA A 138 3.86 -30.48 13.83
N LEU A 139 4.51 -31.17 14.76
CA LEU A 139 5.76 -31.91 14.49
C LEU A 139 5.56 -32.96 13.39
N LYS A 140 4.65 -33.89 13.65
CA LYS A 140 4.33 -34.99 12.73
C LYS A 140 3.91 -34.45 11.36
N LEU A 141 2.99 -33.49 11.38
CA LEU A 141 2.51 -32.84 10.15
C LEU A 141 3.62 -32.13 9.36
N TYR A 142 4.52 -31.43 10.07
CA TYR A 142 5.64 -30.72 9.44
C TYR A 142 6.53 -31.67 8.64
N SER A 143 7.02 -32.72 9.31
CA SER A 143 7.88 -33.73 8.68
C SER A 143 7.21 -34.40 7.48
N CYS A 144 5.94 -34.74 7.67
CA CYS A 144 5.11 -35.35 6.63
C CYS A 144 4.97 -34.44 5.40
N ALA A 145 4.66 -33.18 5.64
CA ALA A 145 4.56 -32.17 4.59
C ALA A 145 5.91 -31.94 3.90
N LYS A 146 6.95 -31.73 4.70
CA LYS A 146 8.32 -31.54 4.22
C LYS A 146 8.77 -32.69 3.31
N ALA A 147 8.54 -33.92 3.77
CA ALA A 147 8.85 -35.13 3.01
C ALA A 147 8.11 -35.16 1.67
N GLY A 148 6.81 -34.84 1.71
CA GLY A 148 5.98 -34.74 0.51
C GLY A 148 6.45 -33.71 -0.50
N ILE A 149 6.80 -32.52 -0.01
CA ILE A 149 7.35 -31.46 -0.86
C ILE A 149 8.60 -31.97 -1.58
N CYS A 150 9.50 -32.60 -0.81
CA CYS A 150 10.74 -33.15 -1.35
C CYS A 150 10.52 -34.29 -2.34
N ARG A 151 9.58 -35.18 -2.02
CA ARG A 151 9.25 -36.31 -2.91
C ARG A 151 8.66 -35.84 -4.24
N TRP A 152 7.81 -34.83 -4.16
CA TRP A 152 7.23 -34.20 -5.36
C TRP A 152 8.21 -33.29 -6.10
N MET A 153 9.21 -32.77 -5.39
CA MET A 153 10.33 -32.08 -6.04
C MET A 153 11.18 -33.07 -6.82
N ALA A 154 11.50 -34.20 -6.18
CA ALA A 154 12.18 -35.31 -6.83
C ALA A 154 11.44 -35.79 -8.08
N PHE A 155 10.12 -35.95 -7.96
CA PHE A 155 9.26 -36.35 -9.10
C PHE A 155 9.42 -35.41 -10.31
N HIS A 156 9.46 -34.10 -10.06
CA HIS A 156 9.61 -33.12 -11.13
C HIS A 156 11.01 -33.18 -11.77
N PHE A 157 12.03 -33.35 -10.93
CA PHE A 157 13.43 -33.46 -11.41
C PHE A 157 13.64 -34.61 -12.38
N LEU A 158 12.96 -35.73 -12.13
CA LEU A 158 13.07 -36.92 -12.97
C LEU A 158 12.37 -36.81 -14.32
N GLU A 159 11.39 -35.91 -14.43
CA GLU A 159 10.66 -35.67 -15.69
C GLU A 159 11.41 -34.75 -16.69
N GLN A 160 12.57 -34.23 -16.30
CA GLN A 160 13.39 -33.39 -17.19
C GLN A 160 14.09 -34.19 -18.27
N GLU A 161 14.16 -33.63 -19.47
CA GLU A 161 15.01 -34.15 -20.55
C GLU A 161 15.72 -32.98 -21.26
N PRO A 162 17.04 -32.81 -21.02
CA PRO A 162 17.89 -33.62 -20.14
C PRO A 162 17.74 -33.27 -18.66
N ILE A 163 18.13 -34.21 -17.80
CA ILE A 163 18.01 -34.06 -16.35
C ILE A 163 19.05 -33.06 -15.85
N ASP A 164 18.62 -32.16 -14.97
CA ASP A 164 19.49 -31.16 -14.34
C ASP A 164 20.13 -31.76 -13.09
N HIS A 165 21.08 -32.69 -13.31
CA HIS A 165 21.85 -33.34 -12.23
C HIS A 165 22.59 -32.37 -11.31
N ILE A 166 22.94 -31.22 -11.87
CA ILE A 166 23.71 -30.17 -11.18
C ILE A 166 22.90 -29.65 -9.99
N ASN A 167 21.66 -29.25 -10.26
CA ASN A 167 20.72 -28.80 -9.22
C ASN A 167 20.04 -29.94 -8.46
N PHE A 168 19.85 -31.08 -9.13
CA PHE A 168 19.20 -32.25 -8.54
C PHE A 168 19.99 -32.85 -7.37
N THR A 169 21.29 -33.06 -7.58
CA THR A 169 22.17 -33.58 -6.53
C THR A 169 22.45 -32.50 -5.44
N LYS A 170 22.57 -31.25 -5.89
CA LYS A 170 22.68 -30.07 -4.99
C LYS A 170 21.46 -29.95 -4.06
N PHE A 171 20.27 -30.19 -4.61
CA PHE A 171 19.03 -30.23 -3.82
C PHE A 171 19.07 -31.32 -2.76
N LEU A 172 19.48 -32.52 -3.17
CA LEU A 172 19.50 -33.70 -2.28
C LEU A 172 20.49 -33.59 -1.10
N GLN A 173 21.49 -32.73 -1.22
CA GLN A 173 22.35 -32.37 -0.08
C GLN A 173 21.59 -31.49 0.90
N ASP A 174 20.98 -30.43 0.40
CA ASP A 174 20.25 -29.45 1.23
C ASP A 174 18.98 -30.04 1.84
N TRP A 175 18.12 -30.59 0.99
CA TRP A 175 16.82 -31.14 1.39
C TRP A 175 16.72 -32.60 0.96
N GLY A 176 16.25 -33.46 1.85
CA GLY A 176 16.17 -34.90 1.60
C GLY A 176 17.31 -35.63 2.28
N SER A 177 16.95 -36.64 3.09
CA SER A 177 17.92 -37.34 3.94
C SER A 177 18.87 -38.24 3.14
N HIS A 178 19.84 -38.84 3.84
CA HIS A 178 20.91 -39.62 3.21
C HIS A 178 20.81 -41.09 3.58
N ASN A 179 20.06 -41.84 2.76
CA ASN A 179 20.02 -43.30 2.83
C ASN A 179 20.56 -43.87 1.53
N GLU A 180 21.64 -44.66 1.63
CA GLU A 180 22.20 -45.40 0.49
C GLU A 180 21.12 -45.94 -0.45
N LYS A 181 20.07 -46.51 0.15
CA LYS A 181 18.89 -47.00 -0.57
C LYS A 181 18.33 -45.97 -1.55
N GLU A 182 17.80 -44.86 -1.03
CA GLU A 182 17.23 -43.80 -1.88
C GLU A 182 18.29 -43.06 -2.71
N MET A 183 19.47 -42.84 -2.11
CA MET A 183 20.58 -42.17 -2.80
C MET A 183 20.96 -42.91 -4.09
N GLU A 184 21.21 -44.21 -3.96
CA GLU A 184 21.54 -45.06 -5.12
C GLU A 184 20.34 -45.34 -6.04
N ALA A 185 19.14 -45.50 -5.46
CA ALA A 185 17.92 -45.73 -6.25
C ALA A 185 17.57 -44.53 -7.14
N LEU A 186 17.77 -43.33 -6.60
CA LEU A 186 17.63 -42.10 -7.39
C LEU A 186 18.70 -42.04 -8.48
N GLN A 187 19.93 -42.42 -8.15
CA GLN A 187 21.04 -42.48 -9.12
C GLN A 187 20.81 -43.53 -10.22
N ARG A 188 20.39 -44.73 -9.82
CA ARG A 188 20.01 -45.80 -10.77
C ARG A 188 18.94 -45.32 -11.75
N LEU A 189 17.87 -44.74 -11.21
CA LEU A 189 16.77 -44.21 -12.02
C LEU A 189 17.16 -42.96 -12.81
N SER A 190 18.13 -42.20 -12.29
CA SER A 190 18.65 -41.02 -13.01
C SER A 190 19.30 -41.38 -14.34
N LYS A 191 19.90 -42.58 -14.41
CA LYS A 191 20.58 -43.07 -15.62
C LYS A 191 19.71 -43.94 -16.54
N HIS A 192 18.46 -44.22 -16.13
CA HIS A 192 17.44 -44.79 -17.05
C HIS A 192 16.99 -43.70 -18.04
N LYS A 193 15.92 -43.95 -18.83
CA LYS A 193 15.50 -42.98 -19.85
C LYS A 193 14.13 -42.34 -19.51
N ILE A 194 13.63 -41.63 -20.53
CA ILE A 194 12.35 -40.90 -20.59
C ILE A 194 11.04 -41.61 -20.23
N ARG A 195 10.72 -42.71 -20.92
CA ARG A 195 9.41 -43.36 -20.79
C ARG A 195 9.40 -44.17 -19.49
N LYS A 196 10.53 -44.80 -19.18
CA LYS A 196 10.71 -45.53 -17.92
C LYS A 196 10.80 -44.59 -16.71
N ARG A 197 11.49 -43.47 -16.89
CA ARG A 197 11.54 -42.41 -15.86
C ARG A 197 10.15 -41.82 -15.60
N LEU A 198 9.41 -41.56 -16.66
CA LEU A 198 8.02 -41.10 -16.58
C LEU A 198 7.11 -42.15 -15.89
N ILE A 199 7.35 -43.44 -16.16
CA ILE A 199 6.56 -44.55 -15.61
C ILE A 199 6.74 -44.70 -14.09
N TYR A 200 7.98 -44.68 -13.62
CA TYR A 200 8.28 -44.75 -12.17
C TYR A 200 7.60 -43.60 -11.43
N VAL A 201 7.70 -42.39 -11.99
CA VAL A 201 7.04 -41.20 -11.46
C VAL A 201 5.52 -41.34 -11.50
N SER A 202 4.97 -41.73 -12.65
CA SER A 202 3.51 -41.83 -12.85
C SER A 202 2.85 -42.89 -11.96
N GLN A 203 3.59 -43.96 -11.66
CA GLN A 203 3.15 -44.96 -10.68
C GLN A 203 3.23 -44.41 -9.26
N HIS A 204 4.34 -43.78 -8.92
CA HIS A 204 4.60 -43.25 -7.57
C HIS A 204 3.78 -41.99 -7.22
N LYS A 205 3.41 -41.21 -8.23
CA LYS A 205 2.47 -40.09 -8.04
C LYS A 205 1.07 -40.58 -7.65
N LYS A 206 0.68 -41.75 -8.15
CA LYS A 206 -0.58 -42.40 -7.75
C LYS A 206 -0.44 -43.07 -6.38
N LYS A 207 0.71 -43.67 -6.12
CA LYS A 207 1.02 -44.25 -4.82
C LYS A 207 1.21 -43.19 -3.73
N MET A 208 1.59 -41.97 -4.13
CA MET A 208 1.74 -40.85 -3.19
C MET A 208 1.12 -39.58 -3.82
N PRO A 209 -0.21 -39.41 -3.66
CA PRO A 209 -0.94 -38.32 -4.31
C PRO A 209 -0.68 -36.96 -3.65
N TRP A 210 -0.81 -35.89 -4.43
CA TRP A 210 -0.61 -34.54 -3.89
C TRP A 210 -1.74 -34.13 -2.92
N SER A 211 -2.94 -34.64 -3.14
CA SER A 211 -4.08 -34.42 -2.23
C SER A 211 -3.78 -34.79 -0.77
N LYS A 212 -2.94 -35.82 -0.57
CA LYS A 212 -2.48 -36.24 0.75
C LYS A 212 -1.69 -35.14 1.46
N PHE A 213 -0.80 -34.47 0.73
CA PHE A 213 0.12 -33.49 1.29
C PHE A 213 -0.49 -32.11 1.43
N ASN A 214 -1.31 -31.72 0.45
CA ASN A 214 -2.15 -30.53 0.54
C ASN A 214 -2.94 -30.51 1.85
N SER A 215 -3.62 -31.62 2.12
CA SER A 215 -4.28 -31.85 3.42
C SER A 215 -3.32 -31.63 4.59
N VAL A 216 -2.18 -32.31 4.55
CA VAL A 216 -1.19 -32.27 5.64
C VAL A 216 -0.68 -30.86 5.88
N LEU A 217 -0.16 -30.25 4.81
CA LEU A 217 0.42 -28.90 4.86
C LEU A 217 -0.60 -27.86 5.33
N SER A 218 -1.80 -27.96 4.80
CA SER A 218 -2.93 -27.12 5.21
C SER A 218 -3.27 -27.30 6.70
N ARG A 219 -3.33 -28.56 7.15
CA ARG A 219 -3.59 -28.84 8.57
C ARG A 219 -2.46 -28.39 9.47
N TYR A 220 -1.22 -28.53 9.01
CA TYR A 220 -0.04 -28.03 9.74
C TYR A 220 -0.16 -26.53 9.98
N ILE A 221 -0.33 -25.80 8.88
CA ILE A 221 -0.46 -24.34 8.90
C ILE A 221 -1.56 -23.86 9.86
N GLN A 222 -2.69 -24.55 9.83
CA GLN A 222 -3.82 -24.19 10.70
C GLN A 222 -3.61 -24.67 12.15
N CYS A 223 -2.93 -25.79 12.31
CA CYS A 223 -2.52 -26.28 13.63
C CYS A 223 -1.54 -25.32 14.28
N THR A 224 -0.56 -24.89 13.48
CA THR A 224 0.44 -23.90 13.86
C THR A 224 -0.23 -22.58 14.26
N LYS A 225 -1.09 -22.08 13.37
CA LYS A 225 -1.87 -20.86 13.62
C LYS A 225 -2.59 -20.88 14.97
N LEU A 226 -3.22 -22.01 15.28
CA LEU A 226 -4.00 -22.17 16.50
C LEU A 226 -3.15 -22.09 17.77
N GLN A 227 -2.05 -22.85 17.80
CA GLN A 227 -1.10 -22.84 18.92
C GLN A 227 -0.67 -21.42 19.26
N LEU A 228 -0.19 -20.73 18.23
CA LEU A 228 0.41 -19.41 18.38
C LEU A 228 -0.59 -18.35 18.85
N GLU A 229 -1.87 -18.51 18.55
CA GLU A 229 -2.90 -17.60 19.07
C GLU A 229 -3.33 -17.97 20.49
N VAL A 230 -3.52 -19.27 20.73
CA VAL A 230 -3.92 -19.78 22.05
C VAL A 230 -2.85 -19.47 23.11
N PHE A 231 -1.61 -19.89 22.84
CA PHE A 231 -0.54 -19.84 23.83
C PHE A 231 0.34 -18.60 23.74
N CYS A 232 0.94 -18.37 22.57
CA CYS A 232 1.92 -17.27 22.40
C CYS A 232 1.31 -15.89 22.13
N ASP A 233 -0.02 -15.85 21.95
CA ASP A 233 -0.75 -14.62 21.62
C ASP A 233 -0.21 -13.87 20.39
N TYR A 234 -0.13 -14.62 19.29
CA TYR A 234 -0.18 -14.07 17.94
C TYR A 234 -1.67 -13.90 17.65
N ASP A 235 -2.02 -13.07 16.66
CA ASP A 235 -3.42 -12.99 16.22
C ASP A 235 -3.59 -13.49 14.79
N PHE A 236 -3.98 -14.76 14.67
CA PHE A 236 -4.25 -15.40 13.38
C PHE A 236 -5.76 -15.60 13.14
N LYS A 237 -6.60 -14.74 13.73
CA LYS A 237 -8.07 -14.82 13.58
C LYS A 237 -8.68 -16.18 13.97
N GLN A 238 -8.11 -16.79 14.99
CA GLN A 238 -8.53 -18.08 15.52
C GLN A 238 -9.47 -17.93 16.72
N ARG A 239 -10.01 -16.72 16.92
CA ARG A 239 -10.85 -16.42 18.07
C ARG A 239 -12.14 -17.25 18.07
N GLU A 240 -12.75 -17.39 16.89
CA GLU A 240 -13.97 -18.18 16.72
C GLU A 240 -13.71 -19.68 16.87
N ILE A 241 -12.53 -20.13 16.45
CA ILE A 241 -12.11 -21.53 16.57
C ILE A 241 -11.93 -21.90 18.05
N VAL A 242 -11.38 -20.97 18.83
CA VAL A 242 -11.14 -21.15 20.27
C VAL A 242 -12.43 -21.34 21.06
N LYS A 243 -13.38 -20.41 20.91
CA LYS A 243 -14.67 -20.47 21.63
C LYS A 243 -15.49 -21.74 21.30
N MET A 244 -15.39 -22.24 20.07
CA MET A 244 -16.02 -23.53 19.71
C MET A 244 -15.34 -24.77 20.33
N LEU A 245 -14.19 -24.59 20.97
CA LEU A 245 -13.52 -25.65 21.73
C LEU A 245 -13.78 -25.59 23.24
N THR A 246 -14.25 -24.45 23.73
CA THR A 246 -14.73 -24.31 25.11
C THR A 246 -16.10 -24.99 25.28
N SER A 247 -16.93 -24.96 24.24
CA SER A 247 -18.27 -25.55 24.26
C SER A 247 -18.21 -27.08 24.26
N ALA B 1 29.23 -3.93 8.37
CA ALA B 1 28.91 -5.36 8.10
C ALA B 1 28.68 -5.67 6.62
N CYS B 2 27.82 -4.89 5.95
CA CYS B 2 27.28 -5.29 4.63
C CYS B 2 27.75 -4.46 3.41
N GLU B 3 28.31 -5.18 2.43
CA GLU B 3 28.77 -4.62 1.16
C GLU B 3 27.59 -4.25 0.26
N MET B 4 26.60 -5.15 0.21
CA MET B 4 25.36 -4.94 -0.55
C MET B 4 24.65 -3.65 -0.14
N CYS B 5 24.47 -3.49 1.17
CA CYS B 5 23.84 -2.29 1.74
C CYS B 5 24.60 -1.03 1.36
N ARG B 6 25.91 -1.07 1.49
CA ARG B 6 26.77 0.10 1.18
C ARG B 6 26.67 0.52 -0.28
N LEU B 7 26.61 -0.48 -1.17
CA LEU B 7 26.38 -0.25 -2.61
C LEU B 7 24.92 0.11 -2.96
N GLY B 8 24.01 0.06 -1.98
CA GLY B 8 22.60 0.33 -2.20
C GLY B 8 22.00 -0.62 -3.23
N LEU B 9 22.08 -1.92 -2.94
CA LEU B 9 21.60 -2.96 -3.83
C LEU B 9 20.57 -3.84 -3.12
N PRO B 10 19.61 -4.44 -3.87
CA PRO B 10 18.57 -5.29 -3.25
C PRO B 10 19.07 -6.66 -2.79
N HIS B 11 18.62 -7.09 -1.61
CA HIS B 11 19.05 -8.33 -0.96
C HIS B 11 18.28 -8.49 0.36
N GLY B 12 18.05 -9.75 0.75
CA GLY B 12 17.38 -10.06 2.02
C GLY B 12 16.04 -10.75 1.85
N SER B 13 15.45 -11.13 2.97
CA SER B 13 14.19 -11.91 3.02
C SER B 13 13.06 -11.36 2.13
N PHE B 14 12.81 -10.05 2.26
CA PHE B 14 11.69 -9.40 1.58
C PHE B 14 11.91 -9.36 0.07
N PHE B 15 13.15 -9.11 -0.35
CA PHE B 15 13.52 -9.14 -1.77
C PHE B 15 13.48 -10.55 -2.35
N GLU B 16 13.97 -11.54 -1.59
CA GLU B 16 13.85 -12.94 -2.01
C GLU B 16 12.39 -13.38 -2.10
N LEU B 17 11.58 -12.93 -1.14
CA LEU B 17 10.13 -13.19 -1.16
C LEU B 17 9.46 -12.54 -2.36
N LEU B 18 9.79 -11.28 -2.63
CA LEU B 18 9.26 -10.57 -3.79
C LEU B 18 9.48 -11.37 -5.07
N ARG B 19 10.72 -11.78 -5.31
CA ARG B 19 11.09 -12.54 -6.51
C ARG B 19 10.31 -13.84 -6.67
N ASP B 20 10.20 -14.58 -5.57
CA ASP B 20 9.47 -15.85 -5.53
C ASP B 20 7.97 -15.67 -5.74
N TRP B 21 7.41 -14.61 -5.16
CA TRP B 21 6.00 -14.28 -5.30
C TRP B 21 5.64 -14.02 -6.76
N LYS B 22 6.46 -13.20 -7.42
CA LYS B 22 6.32 -12.86 -8.85
C LYS B 22 6.42 -14.11 -9.72
N LYS B 23 7.40 -14.98 -9.41
CA LYS B 23 7.59 -16.25 -10.11
C LYS B 23 6.31 -17.08 -10.15
N ILE B 24 5.68 -17.22 -8.99
CA ILE B 24 4.40 -17.94 -8.86
C ILE B 24 3.30 -17.20 -9.63
N GLU B 25 3.25 -15.87 -9.46
CA GLU B 25 2.27 -15.03 -10.14
C GLU B 25 2.28 -15.22 -11.65
N GLU B 26 3.42 -14.93 -12.28
CA GLU B 26 3.54 -15.03 -13.75
C GLU B 26 3.24 -16.44 -14.28
N PHE B 27 3.60 -17.46 -13.51
CA PHE B 27 3.27 -18.86 -13.81
C PHE B 27 1.76 -19.06 -13.85
N ARG B 28 1.07 -18.54 -12.84
CA ARG B 28 -0.38 -18.70 -12.71
C ARG B 28 -1.22 -17.77 -13.60
N ASN B 29 -0.59 -16.72 -14.14
CA ASN B 29 -1.26 -15.80 -15.08
C ASN B 29 -1.84 -16.49 -16.32
N LYS B 30 -1.21 -17.60 -16.75
CA LYS B 30 -1.76 -18.48 -17.79
C LYS B 30 -2.31 -19.82 -17.26
N SER B 31 -1.63 -20.41 -16.28
CA SER B 31 -2.08 -21.69 -15.67
C SER B 31 -3.42 -21.54 -14.94
N ASN C 1 -9.22 -31.83 26.09
CA ASN C 1 -7.83 -32.41 26.15
C ASN C 1 -7.75 -33.78 25.45
N SER C 2 -8.17 -33.78 24.19
CA SER C 2 -8.17 -34.99 23.36
C SER C 2 -6.77 -35.32 22.87
N ASP C 3 -6.56 -36.58 22.52
CA ASP C 3 -5.30 -37.05 21.93
C ASP C 3 -5.29 -36.93 20.40
N ASN C 4 -6.40 -36.49 19.82
CA ASN C 4 -6.50 -36.12 18.40
C ASN C 4 -7.23 -34.79 18.25
N ILE C 5 -6.69 -33.90 17.41
CA ILE C 5 -7.33 -32.63 17.04
C ILE C 5 -7.25 -32.43 15.52
N PHE C 6 -6.04 -32.22 15.01
CA PHE C 6 -5.81 -32.03 13.57
C PHE C 6 -5.42 -33.31 12.82
N VAL C 7 -4.96 -34.33 13.55
CA VAL C 7 -4.58 -35.61 12.96
C VAL C 7 -5.59 -36.68 13.36
N LYS C 8 -6.04 -37.46 12.37
CA LYS C 8 -6.98 -38.55 12.58
C LYS C 8 -6.27 -39.71 13.30
N PRO C 9 -6.95 -40.35 14.30
CA PRO C 9 -6.31 -41.34 15.20
C PRO C 9 -5.44 -42.38 14.49
N GLY C 10 -6.03 -43.04 13.49
CA GLY C 10 -5.30 -43.97 12.64
C GLY C 10 -5.06 -43.35 11.27
N GLU C 11 -3.92 -42.67 11.12
CA GLU C 11 -3.53 -42.05 9.86
C GLU C 11 -2.04 -42.23 9.60
N ASP C 12 -1.72 -42.75 8.41
CA ASP C 12 -0.34 -43.03 8.03
C ASP C 12 0.35 -41.76 7.55
N LEU C 13 1.19 -41.18 8.41
CA LEU C 13 2.02 -40.02 8.07
C LEU C 13 3.45 -40.45 7.73
N GLU C 14 3.67 -41.76 7.54
CA GLU C 14 4.96 -42.34 7.21
C GLU C 14 5.11 -42.37 5.69
N ILE C 15 6.07 -41.61 5.16
CA ILE C 15 6.36 -41.59 3.73
C ILE C 15 7.61 -42.44 3.49
N PRO C 16 7.54 -43.47 2.62
CA PRO C 16 8.69 -44.38 2.43
C PRO C 16 9.70 -43.92 1.38
N LEU C 17 10.81 -44.67 1.28
CA LEU C 17 11.87 -44.46 0.29
C LEU C 17 12.50 -43.06 0.35
N GLY D 1 -18.16 -8.74 6.71
CA GLY D 1 -18.25 -7.50 5.86
C GLY D 1 -17.25 -6.39 6.19
N SER D 2 -17.02 -6.15 7.48
CA SER D 2 -16.16 -5.06 7.96
C SER D 2 -14.73 -5.50 8.34
N ASN D 3 -14.20 -6.51 7.64
CA ASN D 3 -12.76 -6.79 7.62
C ASN D 3 -12.10 -5.76 6.71
N GLU D 4 -12.78 -5.51 5.58
CA GLU D 4 -12.41 -4.46 4.60
C GLU D 4 -12.37 -3.04 5.19
N LYS D 5 -13.13 -2.78 6.26
CA LYS D 5 -13.04 -1.52 7.02
C LYS D 5 -11.64 -1.33 7.58
N ILE D 6 -11.11 -2.39 8.17
CA ILE D 6 -9.76 -2.39 8.77
C ILE D 6 -8.68 -2.30 7.68
N ARG D 7 -8.87 -3.06 6.59
CA ARG D 7 -7.96 -3.03 5.45
C ARG D 7 -7.83 -1.64 4.86
N SER D 8 -8.98 -1.04 4.54
CA SER D 8 -9.05 0.33 4.02
C SER D 8 -8.42 1.35 4.95
N GLN D 9 -8.69 1.22 6.24
CA GLN D 9 -8.11 2.09 7.26
C GLN D 9 -6.59 1.93 7.31
N SER D 10 -6.12 0.70 7.16
CA SER D 10 -4.69 0.39 7.13
C SER D 10 -3.99 0.98 5.90
N VAL D 11 -4.64 0.86 4.75
CA VAL D 11 -4.16 1.49 3.50
C VAL D 11 -4.01 3.00 3.71
N LEU D 12 -5.00 3.60 4.37
CA LEU D 12 -5.01 5.04 4.64
C LEU D 12 -3.87 5.47 5.57
N ASN D 13 -3.56 4.64 6.56
CA ASN D 13 -2.40 4.88 7.44
C ASN D 13 -1.07 4.83 6.68
N THR D 14 -0.99 3.94 5.69
CA THR D 14 0.19 3.84 4.84
C THR D 14 0.35 5.09 3.99
N LEU D 15 -0.71 5.51 3.31
CA LEU D 15 -0.68 6.76 2.53
C LEU D 15 -0.20 7.97 3.34
N GLU D 16 -0.67 8.04 4.59
CA GLU D 16 -0.26 9.07 5.54
C GLU D 16 1.26 9.18 5.70
N THR D 17 1.96 8.04 5.74
CA THR D 17 3.43 8.03 5.86
C THR D 17 4.16 8.45 4.57
N PHE D 18 3.45 8.42 3.43
CA PHE D 18 3.98 8.88 2.14
C PHE D 18 3.60 10.32 1.82
N PHE D 19 2.39 10.72 2.22
CA PHE D 19 1.85 12.02 1.89
C PHE D 19 2.32 13.12 2.84
N ILE D 20 2.42 12.82 4.13
CA ILE D 20 2.85 13.83 5.09
C ILE D 20 4.37 14.02 5.05
N LYS D 21 4.78 15.12 4.43
CA LYS D 21 6.17 15.57 4.37
C LYS D 21 6.32 16.87 5.15
N GLU D 22 7.57 17.20 5.49
CA GLU D 22 7.91 18.48 6.12
C GLU D 22 7.66 19.64 5.15
N ASN D 23 8.24 19.53 3.97
CA ASN D 23 7.94 20.43 2.85
C ASN D 23 6.79 19.83 2.05
N HIS D 24 6.65 20.19 0.78
CA HIS D 24 5.52 19.76 -0.03
C HIS D 24 5.70 18.35 -0.59
N TYR D 25 4.56 17.69 -0.84
CA TYR D 25 4.54 16.39 -1.48
C TYR D 25 4.78 16.53 -2.99
N ASP D 26 5.45 15.55 -3.55
CA ASP D 26 5.35 15.28 -4.98
C ASP D 26 5.58 13.80 -5.26
N MET D 27 5.23 13.40 -6.48
CA MET D 27 5.48 12.05 -6.96
C MET D 27 6.97 11.72 -7.00
N GLN D 28 7.27 10.52 -6.55
CA GLN D 28 8.60 9.95 -6.61
C GLN D 28 8.38 8.57 -7.20
N ARG D 29 9.11 8.22 -8.27
CA ARG D 29 8.85 6.97 -8.99
C ARG D 29 9.11 5.70 -8.15
N GLU D 30 9.85 5.84 -7.05
CA GLU D 30 10.08 4.75 -6.09
C GLU D 30 8.89 4.52 -5.15
N GLU D 31 8.04 5.55 -4.99
CA GLU D 31 6.81 5.46 -4.20
C GLU D 31 5.55 5.38 -5.08
N SER D 32 5.60 6.00 -6.25
CA SER D 32 4.47 6.04 -7.22
C SER D 32 3.69 4.72 -7.36
N SER D 33 4.40 3.61 -7.40
CA SER D 33 3.77 2.28 -7.51
C SER D 33 2.84 2.00 -6.33
N ILE D 34 3.29 2.30 -5.12
CA ILE D 34 2.48 2.06 -3.91
C ILE D 34 1.44 3.15 -3.68
N VAL D 35 1.78 4.40 -3.99
CA VAL D 35 0.86 5.53 -3.81
C VAL D 35 -0.40 5.34 -4.68
N ASN D 36 -0.20 5.06 -5.96
CA ASN D 36 -1.31 4.79 -6.89
C ASN D 36 -2.17 3.58 -6.51
N ALA D 37 -1.52 2.54 -5.98
CA ALA D 37 -2.22 1.33 -5.54
C ALA D 37 -3.13 1.63 -4.36
N CYS D 38 -2.60 2.40 -3.41
CA CYS D 38 -3.36 2.84 -2.25
C CYS D 38 -4.56 3.67 -2.67
N LEU D 39 -4.30 4.71 -3.46
CA LEU D 39 -5.34 5.61 -3.98
C LEU D 39 -6.42 4.84 -4.73
N ARG D 40 -6.03 3.82 -5.48
CA ARG D 40 -6.99 2.96 -6.18
C ARG D 40 -7.77 2.05 -5.22
N TYR D 41 -7.11 1.46 -4.21
CA TYR D 41 -7.83 0.63 -3.23
C TYR D 41 -8.87 1.46 -2.50
N LEU D 42 -8.47 2.63 -2.01
CA LEU D 42 -9.39 3.53 -1.30
C LEU D 42 -10.51 4.05 -2.21
N GLY D 43 -10.15 4.46 -3.41
CA GLY D 43 -11.12 4.93 -4.41
C GLY D 43 -12.16 3.90 -4.81
N TYR D 44 -11.83 2.62 -4.68
CA TYR D 44 -12.75 1.53 -4.97
C TYR D 44 -13.26 0.79 -3.72
N SER D 45 -12.69 1.08 -2.56
CA SER D 45 -13.17 0.53 -1.29
C SER D 45 -14.58 1.03 -1.04
N LYS D 46 -15.53 0.10 -1.03
CA LYS D 46 -16.95 0.42 -0.79
C LYS D 46 -17.18 1.09 0.57
N SER D 47 -16.49 0.57 1.60
CA SER D 47 -16.61 1.10 2.95
C SER D 47 -16.00 2.50 3.17
N MET D 48 -15.46 3.11 2.10
CA MET D 48 -14.93 4.48 2.13
C MET D 48 -15.81 5.50 1.37
N CYS D 49 -16.86 5.02 0.70
CA CYS D 49 -17.73 5.84 -0.17
C CYS D 49 -18.35 7.05 0.51
N HIS D 50 -18.72 6.90 1.79
CA HIS D 50 -19.31 8.00 2.56
C HIS D 50 -18.53 8.25 3.84
N GLU D 51 -17.21 8.10 3.75
CA GLU D 51 -16.31 8.41 4.85
C GLU D 51 -15.68 9.75 4.56
N LYS D 52 -15.45 10.53 5.61
CA LYS D 52 -14.86 11.86 5.48
C LYS D 52 -13.39 11.72 5.13
N MET D 53 -12.93 12.51 4.17
CA MET D 53 -11.54 12.45 3.76
C MET D 53 -10.65 13.23 4.73
N PRO D 54 -9.60 12.58 5.26
CA PRO D 54 -8.68 13.28 6.15
C PRO D 54 -7.98 14.45 5.46
N ILE D 55 -7.59 15.43 6.26
CA ILE D 55 -7.06 16.67 5.73
C ILE D 55 -5.65 16.51 5.16
N PHE D 56 -4.90 15.51 5.62
CA PHE D 56 -3.60 15.20 5.01
C PHE D 56 -3.73 14.82 3.53
N MET D 57 -4.81 14.13 3.19
CA MET D 57 -5.11 13.76 1.81
C MET D 57 -5.37 14.98 0.94
N ASP D 58 -6.22 15.89 1.45
CA ASP D 58 -6.52 17.15 0.78
C ASP D 58 -5.26 18.00 0.61
N ILE D 59 -4.45 18.08 1.66
CA ILE D 59 -3.20 18.86 1.61
C ILE D 59 -2.27 18.28 0.55
N ALA D 60 -2.04 16.97 0.58
CA ALA D 60 -1.17 16.31 -0.39
C ALA D 60 -1.68 16.46 -1.83
N PHE D 61 -3.00 16.40 -2.03
CA PHE D 61 -3.58 16.64 -3.36
C PHE D 61 -3.21 18.03 -3.85
N ILE D 62 -3.45 19.04 -3.02
CA ILE D 62 -3.17 20.43 -3.39
C ILE D 62 -1.68 20.62 -3.70
N GLU D 63 -0.82 20.18 -2.78
CA GLU D 63 0.65 20.23 -2.96
C GLU D 63 1.08 19.60 -4.28
N TYR D 64 0.40 18.52 -4.65
CA TYR D 64 0.64 17.81 -5.91
C TYR D 64 -0.02 18.49 -7.12
N CYS D 65 -1.28 18.88 -6.96
CA CYS D 65 -2.08 19.51 -8.03
C CYS D 65 -1.47 20.78 -8.60
N PHE D 66 -0.88 21.61 -7.74
CA PHE D 66 -0.31 22.90 -8.14
C PHE D 66 1.23 22.94 -8.09
N ASN D 67 1.84 21.77 -7.92
CA ASN D 67 3.28 21.57 -8.05
C ASN D 67 4.13 22.48 -7.16
N LEU D 68 3.78 22.51 -5.87
CA LEU D 68 4.39 23.43 -4.91
C LEU D 68 5.83 23.10 -4.49
N SER D 69 6.37 21.97 -4.96
CA SER D 69 7.72 21.54 -4.59
C SER D 69 8.83 22.44 -5.12
N GLN D 89 2.71 23.25 -15.76
CA GLN D 89 2.48 21.88 -15.29
C GLN D 89 1.08 21.60 -14.69
N ILE D 90 0.17 22.58 -14.73
CA ILE D 90 -1.07 22.53 -13.98
C ILE D 90 -2.23 22.39 -14.97
N LEU D 91 -2.98 21.29 -14.83
CA LEU D 91 -4.14 21.01 -15.69
C LEU D 91 -5.29 21.90 -15.24
N TRP D 92 -5.57 22.95 -16.02
CA TRP D 92 -6.69 23.87 -15.70
C TRP D 92 -8.03 23.39 -16.30
N GLU D 93 -8.31 22.10 -16.12
CA GLU D 93 -9.54 21.48 -16.56
C GLU D 93 -10.60 21.78 -15.51
N TYR D 94 -11.74 22.29 -15.96
CA TYR D 94 -12.83 22.74 -15.08
C TYR D 94 -13.16 21.80 -13.91
N SER D 95 -13.55 20.57 -14.23
CA SER D 95 -14.05 19.62 -13.22
C SER D 95 -13.02 19.31 -12.12
N LEU D 96 -11.75 19.26 -12.50
CA LEU D 96 -10.63 19.09 -11.55
C LEU D 96 -10.51 20.27 -10.58
N ILE D 97 -10.59 21.49 -11.11
CA ILE D 97 -10.34 22.70 -10.34
C ILE D 97 -11.49 23.01 -9.38
N SER D 98 -12.72 22.68 -9.78
CA SER D 98 -13.89 22.71 -8.88
C SER D 98 -13.71 21.82 -7.65
N ASN D 99 -13.13 20.63 -7.85
CA ASN D 99 -12.80 19.73 -6.75
C ASN D 99 -11.63 20.24 -5.92
N ALA D 100 -10.59 20.75 -6.59
CA ALA D 100 -9.45 21.39 -5.92
C ALA D 100 -9.87 22.50 -4.97
N LEU D 101 -10.87 23.29 -5.36
CA LEU D 101 -11.42 24.35 -4.51
C LEU D 101 -12.22 23.79 -3.33
N GLU D 102 -13.04 22.77 -3.58
CA GLU D 102 -13.80 22.11 -2.51
C GLU D 102 -12.87 21.47 -1.46
N ARG D 103 -11.77 20.86 -1.93
CA ARG D 103 -10.77 20.28 -1.03
C ARG D 103 -9.99 21.34 -0.25
N LEU D 104 -9.60 22.42 -0.92
CA LEU D 104 -8.94 23.56 -0.28
C LEU D 104 -9.83 24.26 0.75
N GLU D 105 -11.12 24.33 0.44
CA GLU D 105 -12.13 24.85 1.36
C GLU D 105 -12.26 23.95 2.59
N ASN D 106 -12.25 22.63 2.35
CA ASN D 106 -12.27 21.66 3.45
C ASN D 106 -11.05 21.72 4.37
N ILE D 107 -9.88 22.02 3.79
CA ILE D 107 -8.68 22.31 4.58
C ILE D 107 -8.95 23.50 5.48
N GLU D 108 -9.53 24.56 4.93
CA GLU D 108 -9.85 25.77 5.68
C GLU D 108 -10.93 25.56 6.74
N LEU D 109 -12.00 24.85 6.38
CA LEU D 109 -13.06 24.50 7.34
C LEU D 109 -12.46 23.84 8.57
N GLU D 110 -11.74 22.73 8.34
CA GLU D 110 -11.08 21.97 9.40
C GLU D 110 -10.07 22.82 10.17
N ARG D 111 -9.33 23.65 9.45
CA ARG D 111 -8.32 24.53 10.06
C ARG D 111 -8.95 25.50 11.07
N GLN D 112 -10.10 26.06 10.72
CA GLN D 112 -10.82 26.99 11.62
C GLN D 112 -11.38 26.29 12.86
N ASN D 113 -12.12 25.21 12.65
CA ASN D 113 -12.70 24.40 13.74
C ASN D 113 -11.67 23.94 14.76
N CYS D 114 -10.52 23.50 14.26
CA CYS D 114 -9.42 23.08 15.13
C CYS D 114 -8.75 24.25 15.84
N MET D 115 -8.68 25.41 15.20
CA MET D 115 -8.06 26.62 15.79
C MET D 115 -8.98 27.39 16.75
N ARG D 116 -10.28 27.08 16.76
CA ARG D 116 -11.17 27.56 17.83
C ARG D 116 -10.94 26.72 19.09
N GLU D 117 -11.21 25.42 18.98
CA GLU D 117 -10.92 24.45 20.06
C GLU D 117 -9.51 24.68 20.61
N ASP D 118 -9.43 25.11 21.87
CA ASP D 118 -8.15 25.46 22.49
C ASP D 118 -7.45 24.18 22.97
N GLY D 119 -6.60 23.63 22.11
CA GLY D 119 -5.94 22.36 22.39
C GLY D 119 -4.68 22.51 23.22
N LEU D 120 -4.06 21.37 23.53
CA LEU D 120 -2.74 21.34 24.14
C LEU D 120 -1.72 21.84 23.14
N VAL D 121 -0.88 22.79 23.54
CA VAL D 121 0.12 23.36 22.63
C VAL D 121 1.38 22.49 22.69
N LYS D 122 1.86 22.10 21.51
CA LYS D 122 3.15 21.40 21.37
C LYS D 122 4.32 22.39 21.41
N TYR D 123 5.48 21.88 21.82
CA TYR D 123 6.76 22.61 21.79
C TYR D 123 6.78 23.89 22.64
N THR D 124 6.04 23.89 23.76
CA THR D 124 6.00 25.04 24.67
C THR D 124 7.34 25.23 25.40
N ASN D 125 8.04 24.13 25.63
CA ASN D 125 9.38 24.13 26.23
C ASN D 125 10.54 24.43 25.26
N GLU D 126 10.21 24.78 24.02
CA GLU D 126 11.19 25.22 23.03
C GLU D 126 10.93 26.66 22.57
N LEU D 127 9.71 26.95 22.11
CA LEU D 127 9.31 28.32 21.75
C LEU D 127 7.80 28.52 21.77
N LEU D 128 7.37 29.76 21.98
CA LEU D 128 5.96 30.15 21.86
C LEU D 128 5.71 30.80 20.52
N LEU D 129 4.52 30.58 19.96
CA LEU D 129 4.13 31.18 18.69
C LEU D 129 2.81 31.92 18.82
N ASN D 130 2.72 33.06 18.15
CA ASN D 130 1.52 33.88 18.13
C ASN D 130 0.44 33.13 17.34
N LYS D 131 -0.44 32.45 18.07
CA LYS D 131 -1.52 31.66 17.48
C LYS D 131 -2.44 32.50 16.61
N GLU D 132 -2.76 33.71 17.08
CA GLU D 132 -3.65 34.61 16.36
C GLU D 132 -3.00 35.29 15.15
N THR D 133 -1.68 35.41 15.12
CA THR D 133 -0.96 35.80 13.90
C THR D 133 -1.19 34.71 12.84
N LEU D 134 -0.80 33.50 13.20
CA LEU D 134 -0.88 32.33 12.30
C LEU D 134 -2.31 32.03 11.86
N ASN D 135 -3.29 32.24 12.75
CA ASN D 135 -4.71 32.14 12.40
C ASN D 135 -5.11 33.19 11.37
N ASN D 136 -4.65 34.42 11.57
CA ASN D 136 -4.97 35.54 10.67
C ASN D 136 -4.25 35.46 9.31
N GLU D 137 -2.95 35.15 9.33
CA GLU D 137 -2.16 35.00 8.10
C GLU D 137 -2.76 33.99 7.12
N ALA D 138 -3.19 32.86 7.68
CA ALA D 138 -3.85 31.79 6.90
C ALA D 138 -5.19 32.22 6.31
N LEU D 139 -6.00 32.93 7.10
CA LEU D 139 -7.29 33.47 6.64
C LEU D 139 -7.15 34.34 5.38
N LYS D 140 -6.15 35.22 5.39
CA LYS D 140 -5.89 36.10 4.25
C LYS D 140 -5.23 35.37 3.09
N LEU D 141 -4.26 34.51 3.39
CA LEU D 141 -3.62 33.66 2.37
C LEU D 141 -4.57 32.66 1.72
N TYR D 142 -5.56 32.17 2.47
CA TYR D 142 -6.61 31.31 1.92
C TYR D 142 -7.46 32.06 0.89
N SER D 143 -7.91 33.27 1.24
CA SER D 143 -8.75 34.08 0.34
C SER D 143 -7.97 34.66 -0.84
N CYS D 144 -6.67 34.91 -0.67
CA CYS D 144 -5.79 35.31 -1.78
C CYS D 144 -5.65 34.19 -2.81
N ALA D 145 -5.32 32.99 -2.32
CA ALA D 145 -5.17 31.82 -3.18
C ALA D 145 -6.49 31.39 -3.83
N LYS D 146 -7.56 31.36 -3.03
CA LYS D 146 -8.89 30.98 -3.54
C LYS D 146 -9.32 31.83 -4.73
N ALA D 147 -9.09 33.15 -4.64
CA ALA D 147 -9.38 34.08 -5.73
C ALA D 147 -8.48 33.82 -6.94
N GLY D 148 -7.18 33.65 -6.71
CA GLY D 148 -6.21 33.37 -7.77
C GLY D 148 -6.30 32.03 -8.47
N ILE D 149 -7.10 31.11 -7.92
CA ILE D 149 -7.48 29.86 -8.60
C ILE D 149 -8.80 30.07 -9.33
N CYS D 150 -9.72 30.80 -8.70
CA CYS D 150 -11.01 31.15 -9.31
C CYS D 150 -10.85 32.13 -10.50
N ARG D 151 -9.75 32.89 -10.52
CA ARG D 151 -9.44 33.83 -11.61
C ARG D 151 -8.70 33.15 -12.77
N TRP D 152 -7.72 32.30 -12.47
CA TRP D 152 -6.97 31.57 -13.51
C TRP D 152 -7.77 30.43 -14.18
N MET D 153 -8.89 30.04 -13.57
CA MET D 153 -9.85 29.15 -14.23
C MET D 153 -10.64 29.91 -15.30
N ALA D 154 -10.86 31.21 -15.09
CA ALA D 154 -11.42 32.10 -16.14
C ALA D 154 -10.39 32.37 -17.25
N PHE D 155 -9.12 32.51 -16.88
CA PHE D 155 -8.00 32.63 -17.84
C PHE D 155 -7.99 31.52 -18.91
N HIS D 156 -8.36 30.30 -18.51
CA HIS D 156 -8.46 29.16 -19.44
C HIS D 156 -9.79 29.15 -20.19
N PHE D 157 -10.88 29.44 -19.47
CA PHE D 157 -12.24 29.53 -20.06
C PHE D 157 -12.32 30.47 -21.27
N LEU D 158 -11.67 31.63 -21.17
CA LEU D 158 -11.66 32.62 -22.26
C LEU D 158 -10.81 32.17 -23.45
N GLU D 159 -9.65 31.58 -23.16
CA GLU D 159 -8.73 31.07 -24.20
C GLU D 159 -9.29 29.92 -25.05
N GLN D 160 -10.31 29.23 -24.54
CA GLN D 160 -11.04 28.21 -25.30
C GLN D 160 -11.98 28.84 -26.31
N GLU D 161 -12.00 28.30 -27.53
CA GLU D 161 -13.03 28.63 -28.53
C GLU D 161 -13.54 27.33 -29.20
N PRO D 162 -14.88 27.12 -29.25
CA PRO D 162 -15.94 28.02 -28.75
C PRO D 162 -16.05 28.04 -27.23
N ILE D 163 -16.33 29.22 -26.69
CA ILE D 163 -16.33 29.47 -25.25
C ILE D 163 -17.61 28.84 -24.69
N ASP D 164 -17.47 27.99 -23.68
CA ASP D 164 -18.63 27.35 -23.06
C ASP D 164 -19.21 28.26 -21.97
N HIS D 165 -20.33 28.90 -22.30
CA HIS D 165 -21.06 29.75 -21.33
C HIS D 165 -21.73 28.94 -20.21
N ILE D 166 -22.07 27.68 -20.48
CA ILE D 166 -22.88 26.86 -19.56
C ILE D 166 -22.12 26.51 -18.28
N ASN D 167 -20.96 25.86 -18.43
CA ASN D 167 -20.10 25.50 -17.30
C ASN D 167 -19.40 26.69 -16.65
N PHE D 168 -19.24 27.78 -17.41
CA PHE D 168 -18.72 29.04 -16.89
C PHE D 168 -19.68 29.65 -15.86
N THR D 169 -20.98 29.55 -16.14
CA THR D 169 -22.02 29.98 -15.20
C THR D 169 -22.11 29.03 -14.01
N LYS D 170 -22.20 27.73 -14.30
CA LYS D 170 -22.20 26.64 -13.31
C LYS D 170 -21.02 26.74 -12.32
N PHE D 171 -19.84 27.09 -12.82
CA PHE D 171 -18.64 27.29 -12.01
C PHE D 171 -18.74 28.56 -11.15
N LEU D 172 -19.00 29.69 -11.81
CA LEU D 172 -19.02 31.01 -11.14
C LEU D 172 -20.23 31.27 -10.22
N GLN D 173 -21.25 30.42 -10.31
CA GLN D 173 -22.33 30.41 -9.30
C GLN D 173 -21.87 29.81 -7.98
N ASP D 174 -20.82 28.98 -8.03
CA ASP D 174 -20.35 28.19 -6.90
C ASP D 174 -19.07 28.69 -6.23
N TRP D 175 -18.23 29.47 -6.93
CA TRP D 175 -16.83 29.69 -6.47
C TRP D 175 -16.14 31.08 -6.28
N GLY D 176 -16.57 32.24 -6.82
CA GLY D 176 -17.83 32.50 -7.50
C GLY D 176 -18.47 33.80 -7.01
N SER D 177 -17.71 34.90 -7.03
CA SER D 177 -18.14 36.17 -6.45
C SER D 177 -19.13 36.91 -7.36
N HIS D 178 -19.96 37.76 -6.75
CA HIS D 178 -21.12 38.37 -7.44
C HIS D 178 -21.10 39.91 -7.43
N ASN D 179 -20.25 40.49 -8.28
CA ASN D 179 -20.16 41.95 -8.45
C ASN D 179 -20.42 42.33 -9.91
N GLU D 180 -21.29 43.33 -10.11
CA GLU D 180 -21.68 43.81 -11.45
C GLU D 180 -20.50 44.05 -12.40
N LYS D 181 -19.43 44.67 -11.90
CA LYS D 181 -18.26 44.99 -12.70
C LYS D 181 -17.47 43.77 -13.20
N GLU D 182 -17.38 42.73 -12.37
CA GLU D 182 -16.76 41.45 -12.80
C GLU D 182 -17.76 40.54 -13.53
N MET D 183 -19.04 40.62 -13.17
CA MET D 183 -20.10 39.84 -13.84
C MET D 183 -20.30 40.28 -15.30
N GLU D 184 -20.39 41.59 -15.52
CA GLU D 184 -20.62 42.15 -16.87
C GLU D 184 -19.37 42.20 -17.73
N ALA D 185 -18.23 42.58 -17.15
CA ALA D 185 -16.96 42.62 -17.90
C ALA D 185 -16.47 41.23 -18.31
N LEU D 186 -16.94 40.18 -17.66
CA LEU D 186 -16.73 38.80 -18.13
C LEU D 186 -17.66 38.47 -19.30
N GLN D 187 -18.94 38.83 -19.16
CA GLN D 187 -19.93 38.67 -20.24
C GLN D 187 -19.53 39.47 -21.50
N ARG D 188 -18.98 40.66 -21.30
CA ARG D 188 -18.39 41.47 -22.37
C ARG D 188 -17.16 40.80 -22.99
N LEU D 189 -16.25 40.33 -22.12
CA LEU D 189 -15.04 39.63 -22.56
C LEU D 189 -15.31 38.20 -23.07
N SER D 190 -16.51 37.68 -22.82
CA SER D 190 -16.98 36.42 -23.40
C SER D 190 -17.61 36.59 -24.80
N LYS D 191 -18.00 37.83 -25.13
CA LYS D 191 -18.54 38.15 -26.47
C LYS D 191 -17.49 38.70 -27.46
N HIS D 192 -16.29 39.03 -26.97
CA HIS D 192 -15.16 39.40 -27.84
C HIS D 192 -14.62 38.17 -28.60
N LYS D 193 -13.68 38.38 -29.51
CA LYS D 193 -13.09 37.29 -30.32
C LYS D 193 -11.62 36.99 -29.94
N ILE D 194 -11.13 35.83 -30.40
CA ILE D 194 -9.87 35.19 -29.95
C ILE D 194 -8.70 36.15 -29.68
N ARG D 195 -8.18 36.79 -30.73
CA ARG D 195 -7.00 37.66 -30.63
C ARG D 195 -7.15 38.77 -29.59
N LYS D 196 -8.36 39.29 -29.45
CA LYS D 196 -8.68 40.36 -28.49
C LYS D 196 -9.08 39.85 -27.09
N ARG D 197 -9.57 38.62 -27.01
CA ARG D 197 -9.73 37.92 -25.72
C ARG D 197 -8.37 37.58 -25.08
N LEU D 198 -7.35 37.37 -25.92
CA LEU D 198 -5.99 37.06 -25.46
C LEU D 198 -5.17 38.28 -25.01
N ILE D 199 -5.60 39.50 -25.39
CA ILE D 199 -4.87 40.74 -25.05
C ILE D 199 -4.87 41.03 -23.54
N TYR D 200 -6.06 40.93 -22.93
CA TYR D 200 -6.22 41.09 -21.47
C TYR D 200 -5.45 40.02 -20.70
N VAL D 201 -5.44 38.81 -21.24
CA VAL D 201 -4.82 37.64 -20.61
C VAL D 201 -3.28 37.75 -20.64
N SER D 202 -2.72 37.96 -21.84
CA SER D 202 -1.26 37.96 -22.03
C SER D 202 -0.53 39.08 -21.29
N GLN D 203 -1.21 40.21 -21.06
CA GLN D 203 -0.67 41.31 -20.25
C GLN D 203 -0.79 41.04 -18.75
N HIS D 204 -1.91 40.45 -18.32
CA HIS D 204 -2.11 40.14 -16.90
C HIS D 204 -1.36 38.88 -16.41
N LYS D 205 -0.75 38.14 -17.32
CA LYS D 205 0.28 37.13 -16.97
C LYS D 205 1.58 37.81 -16.53
N LYS D 206 1.86 38.99 -17.10
CA LYS D 206 3.04 39.77 -16.78
C LYS D 206 2.81 40.57 -15.48
N LYS D 207 1.61 41.15 -15.35
CA LYS D 207 1.26 41.99 -14.20
C LYS D 207 0.91 41.14 -12.95
N MET D 208 0.04 40.14 -13.12
CA MET D 208 -0.36 39.22 -12.04
C MET D 208 0.03 37.77 -12.39
N PRO D 209 1.32 37.41 -12.18
CA PRO D 209 1.80 36.09 -12.59
C PRO D 209 1.42 34.96 -11.63
N TRP D 210 1.69 33.72 -12.03
CA TRP D 210 1.44 32.56 -11.16
C TRP D 210 2.44 32.45 -10.01
N SER D 211 3.70 32.81 -10.26
CA SER D 211 4.76 32.76 -9.25
C SER D 211 4.41 33.43 -7.90
N LYS D 212 3.49 34.39 -7.94
CA LYS D 212 2.88 34.94 -6.73
C LYS D 212 1.98 33.91 -6.03
N PHE D 213 0.99 33.39 -6.77
CA PHE D 213 0.01 32.45 -6.22
C PHE D 213 0.61 31.09 -5.85
N ASN D 214 1.65 30.68 -6.55
CA ASN D 214 2.41 29.47 -6.20
C ASN D 214 3.06 29.63 -4.83
N SER D 215 3.65 30.80 -4.59
CA SER D 215 4.24 31.13 -3.29
C SER D 215 3.18 31.29 -2.19
N VAL D 216 2.08 31.97 -2.51
CA VAL D 216 0.99 32.21 -1.55
C VAL D 216 0.37 30.91 -1.03
N LEU D 217 -0.08 30.07 -1.96
CA LEU D 217 -0.68 28.76 -1.66
C LEU D 217 0.29 27.85 -0.91
N SER D 218 1.56 27.88 -1.30
CA SER D 218 2.63 27.17 -0.58
C SER D 218 2.76 27.66 0.86
N ARG D 219 2.77 28.99 1.02
CA ARG D 219 2.80 29.61 2.35
C ARG D 219 1.53 29.33 3.15
N TYR D 220 0.37 29.27 2.49
CA TYR D 220 -0.88 28.86 3.16
C TYR D 220 -0.81 27.41 3.66
N ILE D 221 -0.38 26.50 2.78
CA ILE D 221 -0.22 25.08 3.14
C ILE D 221 0.78 24.91 4.29
N GLN D 222 1.96 25.52 4.18
CA GLN D 222 2.98 25.45 5.25
C GLN D 222 2.58 26.21 6.52
N CYS D 223 1.74 27.24 6.38
CA CYS D 223 1.12 27.92 7.53
C CYS D 223 0.17 26.97 8.24
N THR D 224 -0.81 26.48 7.48
CA THR D 224 -1.83 25.55 7.97
C THR D 224 -1.22 24.31 8.64
N LYS D 225 -0.22 23.71 8.01
CA LYS D 225 0.48 22.55 8.56
C LYS D 225 1.06 22.81 9.96
N LEU D 226 1.68 23.97 10.13
CA LEU D 226 2.33 24.36 11.38
C LEU D 226 1.33 24.63 12.50
N GLN D 227 0.29 25.42 12.17
CA GLN D 227 -0.80 25.72 13.09
C GLN D 227 -1.40 24.46 13.66
N LEU D 228 -1.81 23.57 12.76
CA LEU D 228 -2.51 22.35 13.12
C LEU D 228 -1.64 21.41 13.96
N GLU D 229 -0.32 21.45 13.76
CA GLU D 229 0.58 20.64 14.57
C GLU D 229 0.78 21.21 15.96
N VAL D 230 1.18 22.48 16.01
CA VAL D 230 1.53 23.14 17.27
C VAL D 230 0.32 23.31 18.20
N PHE D 231 -0.86 23.58 17.64
CA PHE D 231 -2.06 23.89 18.44
C PHE D 231 -3.20 22.87 18.40
N CYS D 232 -3.28 22.05 17.35
CA CYS D 232 -4.50 21.27 17.09
C CYS D 232 -4.38 19.74 17.09
N ASP D 233 -3.23 19.20 17.53
CA ASP D 233 -3.05 17.74 17.63
C ASP D 233 -3.01 17.07 16.24
N TYR D 234 -2.11 17.57 15.41
CA TYR D 234 -1.76 16.96 14.12
C TYR D 234 -0.26 16.76 14.12
N ASP D 235 0.22 15.85 13.28
CA ASP D 235 1.66 15.73 13.06
C ASP D 235 1.97 15.84 11.58
N PHE D 236 2.29 17.05 11.16
CA PHE D 236 2.75 17.34 9.81
C PHE D 236 4.29 17.47 9.75
N LYS D 237 4.97 16.72 10.62
CA LYS D 237 6.44 16.61 10.63
C LYS D 237 7.12 17.97 10.51
N GLN D 238 6.84 18.85 11.47
CA GLN D 238 7.38 20.22 11.50
C GLN D 238 8.46 20.41 12.57
N ARG D 239 8.92 19.32 13.17
CA ARG D 239 9.97 19.36 14.23
C ARG D 239 11.25 20.14 13.87
N GLU D 240 11.61 20.17 12.58
CA GLU D 240 12.79 20.92 12.10
C GLU D 240 12.42 22.32 11.60
N ILE D 241 11.18 22.51 11.15
CA ILE D 241 10.65 23.86 10.83
C ILE D 241 10.57 24.67 12.14
N VAL D 242 10.19 23.99 13.22
CA VAL D 242 10.10 24.56 14.57
C VAL D 242 11.46 24.99 15.13
N LYS D 243 12.45 24.10 15.02
CA LYS D 243 13.83 24.41 15.44
C LYS D 243 14.41 25.58 14.66
N MET D 244 14.12 25.63 13.36
CA MET D 244 14.48 26.76 12.49
C MET D 244 13.79 28.07 12.92
N LEU D 245 12.55 27.98 13.39
CA LEU D 245 11.76 29.16 13.79
C LEU D 245 12.22 29.85 15.09
N THR D 246 12.97 29.13 15.93
CA THR D 246 13.58 29.72 17.12
C THR D 246 14.65 30.76 16.76
N SER D 247 15.39 30.49 15.67
CA SER D 247 16.48 31.37 15.21
C SER D 247 16.01 32.67 14.56
N ASN D 248 14.95 32.60 13.75
CA ASN D 248 14.35 33.79 13.12
C ASN D 248 13.69 34.70 14.16
N ALA E 1 -30.57 5.58 0.99
CA ALA E 1 -29.92 6.92 0.80
C ALA E 1 -28.87 7.06 -0.32
N CYS E 2 -28.54 5.95 -1.01
CA CYS E 2 -27.55 5.97 -2.08
C CYS E 2 -27.80 4.85 -3.10
N GLU E 3 -28.23 5.25 -4.30
CA GLU E 3 -28.39 4.34 -5.44
C GLU E 3 -27.05 3.81 -5.95
N MET E 4 -25.99 4.59 -5.79
CA MET E 4 -24.63 4.19 -6.20
C MET E 4 -24.13 3.00 -5.38
N CYS E 5 -24.32 3.07 -4.06
CA CYS E 5 -24.05 1.94 -3.15
C CYS E 5 -24.88 0.71 -3.50
N ARG E 6 -26.18 0.95 -3.72
CA ARG E 6 -27.16 -0.07 -4.14
C ARG E 6 -26.71 -0.87 -5.38
N LEU E 7 -26.18 -0.15 -6.38
CA LEU E 7 -25.68 -0.75 -7.64
C LEU E 7 -24.24 -1.29 -7.55
N GLY E 8 -23.49 -0.90 -6.53
CA GLY E 8 -22.11 -1.37 -6.32
C GLY E 8 -21.10 -0.64 -7.20
N LEU E 9 -21.31 0.66 -7.39
CA LEU E 9 -20.46 1.48 -8.23
C LEU E 9 -19.61 2.40 -7.35
N PRO E 10 -18.44 2.81 -7.86
CA PRO E 10 -17.54 3.65 -7.07
C PRO E 10 -17.97 5.12 -7.05
N HIS E 11 -17.85 5.75 -5.87
CA HIS E 11 -18.31 7.14 -5.67
C HIS E 11 -17.82 7.68 -4.33
N GLY E 12 -17.69 9.00 -4.25
CA GLY E 12 -17.29 9.69 -3.02
C GLY E 12 -15.91 10.31 -3.11
N SER E 13 -15.48 10.90 -1.99
CA SER E 13 -14.21 11.64 -1.90
C SER E 13 -13.01 10.86 -2.41
N PHE E 14 -12.90 9.62 -1.98
CA PHE E 14 -11.76 8.76 -2.32
C PHE E 14 -11.75 8.35 -3.80
N PHE E 15 -12.94 8.07 -4.35
CA PHE E 15 -13.06 7.78 -5.78
C PHE E 15 -12.78 9.01 -6.63
N GLU E 16 -13.41 10.13 -6.28
CA GLU E 16 -13.19 11.41 -6.97
C GLU E 16 -11.73 11.88 -6.88
N LEU E 17 -11.05 11.56 -5.78
CA LEU E 17 -9.63 11.89 -5.62
C LEU E 17 -8.76 11.05 -6.55
N LEU E 18 -8.97 9.74 -6.53
CA LEU E 18 -8.24 8.81 -7.40
C LEU E 18 -8.31 9.26 -8.85
N ARG E 19 -9.52 9.57 -9.30
CA ARG E 19 -9.76 10.04 -10.67
C ARG E 19 -9.05 11.35 -10.99
N ASP E 20 -9.16 12.32 -10.09
CA ASP E 20 -8.45 13.60 -10.24
C ASP E 20 -6.94 13.45 -10.18
N TRP E 21 -6.46 12.45 -9.43
CA TRP E 21 -5.04 12.17 -9.32
C TRP E 21 -4.47 11.60 -10.62
N LYS E 22 -5.19 10.66 -11.22
CA LYS E 22 -4.85 10.11 -12.54
C LYS E 22 -4.76 11.22 -13.58
N LYS E 23 -5.84 12.01 -13.67
CA LYS E 23 -5.92 13.12 -14.63
C LYS E 23 -4.65 13.98 -14.64
N ILE E 24 -4.10 14.25 -13.45
CA ILE E 24 -2.85 15.02 -13.31
C ILE E 24 -1.63 14.20 -13.76
N GLU E 25 -1.58 12.92 -13.39
CA GLU E 25 -0.51 12.00 -13.82
C GLU E 25 -0.40 11.86 -15.34
N GLU E 26 -1.55 11.64 -15.97
CA GLU E 26 -1.62 11.48 -17.42
C GLU E 26 -1.30 12.77 -18.19
N PHE E 27 -1.59 13.91 -17.56
CA PHE E 27 -1.19 15.21 -18.10
C PHE E 27 0.33 15.37 -18.02
N ARG E 28 0.93 14.98 -16.90
CA ARG E 28 2.40 15.04 -16.71
C ARG E 28 3.17 13.86 -17.31
N ASN E 29 2.46 12.83 -17.76
CA ASN E 29 3.08 11.72 -18.50
C ASN E 29 3.38 12.03 -19.97
N LYS E 30 2.57 12.91 -20.57
CA LYS E 30 2.75 13.34 -21.96
C LYS E 30 3.00 14.85 -22.14
N SER E 31 3.23 15.56 -21.02
CA SER E 31 3.48 17.00 -21.04
C SER E 31 4.82 17.34 -21.70
N ASN F 1 6.23 34.83 18.30
CA ASN F 1 5.35 35.98 18.72
C ASN F 1 5.23 37.21 17.78
N SER F 2 5.91 37.18 16.63
CA SER F 2 5.83 38.27 15.65
C SER F 2 4.48 38.30 14.92
N ASP F 3 4.15 39.48 14.38
CA ASP F 3 2.94 39.68 13.57
C ASP F 3 3.13 39.21 12.12
N ASN F 4 4.39 39.02 11.71
CA ASN F 4 4.72 38.55 10.37
C ASN F 4 5.66 37.33 10.40
N ILE F 5 5.10 36.18 9.99
CA ILE F 5 5.83 34.91 9.93
C ILE F 5 5.77 34.34 8.51
N PHE F 6 4.56 34.18 7.96
CA PHE F 6 4.34 33.71 6.59
C PHE F 6 4.03 34.81 5.57
N VAL F 7 3.51 35.95 6.02
CA VAL F 7 3.28 37.11 5.17
C VAL F 7 4.40 38.13 5.41
N LYS F 8 4.92 38.70 4.33
CA LYS F 8 5.90 39.78 4.40
C LYS F 8 5.19 41.09 4.80
N PRO F 9 5.87 41.96 5.57
CA PRO F 9 5.23 43.19 6.10
C PRO F 9 4.55 44.06 5.05
N GLY F 10 5.28 44.39 3.97
CA GLY F 10 4.75 45.21 2.87
C GLY F 10 4.35 44.36 1.68
N GLU F 11 3.17 43.74 1.79
CA GLU F 11 2.67 42.80 0.77
C GLU F 11 1.16 42.96 0.53
N ASP F 12 0.79 43.13 -0.73
CA ASP F 12 -0.62 43.23 -1.14
C ASP F 12 -1.15 41.83 -1.49
N LEU F 13 -2.36 41.53 -1.00
CA LEU F 13 -3.04 40.26 -1.26
C LEU F 13 -4.45 40.44 -1.83
N GLU F 14 -4.72 41.63 -2.40
CA GLU F 14 -6.02 41.96 -2.98
C GLU F 14 -6.04 41.64 -4.48
N ILE F 15 -7.20 41.23 -4.97
CA ILE F 15 -7.40 40.84 -6.38
C ILE F 15 -8.43 41.81 -7.01
N PRO F 16 -8.02 42.58 -8.04
CA PRO F 16 -8.84 43.70 -8.51
C PRO F 16 -9.94 43.34 -9.55
N LEU F 17 -10.99 42.68 -9.07
CA LEU F 17 -12.27 42.56 -9.81
C LEU F 17 -13.38 42.19 -8.83
ZN ZN G . 22.67 -5.59 3.61
ZN ZN H . -23.26 5.13 -1.43
#